data_3V2Q
#
_entry.id   3V2Q
#
_cell.length_a   38.696
_cell.length_b   48.573
_cell.length_c   53.318
_cell.angle_alpha   90.00
_cell.angle_beta   103.82
_cell.angle_gamma   90.00
#
_symmetry.space_group_name_H-M   'P 1 21 1'
#
loop_
_entity.id
_entity.type
_entity.pdbx_description
1 polymer 'Cartilage Oligomerization matrix protein (coiled-coil domain)'
2 non-polymer 'PALMITIC ACID'
3 water water
#
_entity_poly.entity_id   1
_entity_poly.type   'polypeptide(L)'
_entity_poly.pdbx_seq_one_letter_code
;MDLAPQMLRELQETNAALQDVRELLRQQVKEITFLKNTVMECDAC
;
_entity_poly.pdbx_strand_id   A,B,C,D,E
#
loop_
_chem_comp.id
_chem_comp.type
_chem_comp.name
_chem_comp.formula
PLM non-polymer 'PALMITIC ACID' 'C16 H32 O2'
#
# COMPACT_ATOMS: atom_id res chain seq x y z
N MET A 1 -1.26 -26.24 -24.97
CA MET A 1 0.10 -25.69 -24.79
C MET A 1 0.47 -25.51 -23.32
N ASP A 2 1.78 -25.45 -23.05
CA ASP A 2 2.30 -25.30 -21.69
C ASP A 2 2.13 -23.85 -21.25
N LEU A 3 1.53 -23.65 -20.08
CA LEU A 3 1.28 -22.32 -19.54
C LEU A 3 2.29 -21.85 -18.49
N ALA A 4 3.34 -22.63 -18.25
CA ALA A 4 4.36 -22.28 -17.28
C ALA A 4 5.12 -20.99 -17.62
N PRO A 5 5.53 -20.83 -18.89
CA PRO A 5 6.26 -19.62 -19.27
C PRO A 5 5.40 -18.37 -19.03
N GLN A 6 4.11 -18.48 -19.33
CA GLN A 6 3.19 -17.36 -19.15
C GLN A 6 3.11 -17.02 -17.67
N MET A 7 3.00 -18.05 -16.84
CA MET A 7 2.94 -17.89 -15.40
C MET A 7 4.18 -17.18 -14.87
N LEU A 8 5.37 -17.60 -15.30
CA LEU A 8 6.61 -16.98 -14.85
C LEU A 8 6.59 -15.50 -15.26
N ARG A 9 6.14 -15.23 -16.49
CA ARG A 9 6.05 -13.86 -16.95
C ARG A 9 5.15 -13.01 -16.04
N GLU A 10 4.00 -13.55 -15.64
CA GLU A 10 3.11 -12.78 -14.76
C GLU A 10 3.82 -12.53 -13.43
N LEU A 11 4.60 -13.49 -12.96
CA LEU A 11 5.31 -13.33 -11.69
C LEU A 11 6.38 -12.27 -11.79
N GLN A 12 7.08 -12.23 -12.92
CA GLN A 12 8.12 -11.24 -13.12
C GLN A 12 7.51 -9.86 -13.13
N GLU A 13 6.36 -9.72 -13.81
CA GLU A 13 5.67 -8.44 -13.88
C GLU A 13 5.10 -8.07 -12.51
N THR A 14 4.72 -9.07 -11.71
CA THR A 14 4.21 -8.79 -10.37
C THR A 14 5.32 -8.15 -9.57
N ASN A 15 6.50 -8.74 -9.62
CA ASN A 15 7.62 -8.18 -8.88
C ASN A 15 8.06 -6.82 -9.40
N ALA A 16 7.96 -6.60 -10.71
CA ALA A 16 8.32 -5.29 -11.24
C ALA A 16 7.42 -4.24 -10.61
N ALA A 17 6.11 -4.52 -10.60
CA ALA A 17 5.15 -3.59 -10.02
C ALA A 17 5.37 -3.44 -8.51
N LEU A 18 5.71 -4.54 -7.86
CA LEU A 18 5.96 -4.50 -6.42
C LEU A 18 7.19 -3.65 -6.08
N GLN A 19 8.18 -3.66 -6.96
CA GLN A 19 9.40 -2.89 -6.74
C GLN A 19 9.09 -1.40 -6.89
N ASP A 20 8.16 -1.07 -7.79
CA ASP A 20 7.76 0.32 -7.99
C ASP A 20 6.98 0.80 -6.76
N VAL A 21 6.10 -0.05 -6.25
CA VAL A 21 5.32 0.30 -5.07
C VAL A 21 6.26 0.60 -3.90
N ARG A 22 7.34 -0.16 -3.79
CA ARG A 22 8.32 0.04 -2.71
C ARG A 22 9.02 1.38 -2.79
N GLU A 23 9.37 1.80 -4.01
CA GLU A 23 10.04 3.09 -4.22
C GLU A 23 9.10 4.25 -3.88
N LEU A 24 7.84 4.12 -4.31
CA LEU A 24 6.84 5.14 -4.07
C LEU A 24 6.57 5.27 -2.58
N LEU A 25 6.39 4.12 -1.93
CA LEU A 25 6.13 4.07 -0.51
C LEU A 25 7.31 4.70 0.24
N ARG A 26 8.52 4.30 -0.14
CA ARG A 26 9.72 4.82 0.48
C ARG A 26 9.71 6.35 0.41
N GLN A 27 9.35 6.87 -0.74
CA GLN A 27 9.29 8.32 -0.92
C GLN A 27 8.12 8.92 -0.13
N GLN A 28 6.97 8.26 -0.15
CA GLN A 28 5.79 8.76 0.55
C GLN A 28 6.09 8.96 2.03
N VAL A 29 6.71 7.96 2.65
CA VAL A 29 7.07 8.03 4.06
C VAL A 29 7.92 9.27 4.35
N LYS A 30 8.85 9.58 3.46
CA LYS A 30 9.69 10.76 3.66
C LYS A 30 8.88 12.04 3.58
N GLU A 31 7.96 12.13 2.63
CA GLU A 31 7.12 13.32 2.51
C GLU A 31 6.29 13.46 3.78
N ILE A 32 5.79 12.34 4.29
CA ILE A 32 4.98 12.36 5.51
C ILE A 32 5.81 12.75 6.73
N THR A 33 6.99 12.15 6.87
CA THR A 33 7.86 12.45 7.99
C THR A 33 8.22 13.93 7.95
N PHE A 34 8.22 14.49 6.74
CA PHE A 34 8.53 15.89 6.56
C PHE A 34 7.34 16.74 7.01
N LEU A 35 6.15 16.31 6.61
CA LEU A 35 4.93 17.00 6.98
C LEU A 35 4.84 17.05 8.51
N LYS A 36 5.22 15.95 9.16
CA LYS A 36 5.18 15.87 10.61
C LYS A 36 6.08 16.91 11.25
N ASN A 37 7.32 16.98 10.79
CA ASN A 37 8.27 17.92 11.34
C ASN A 37 7.75 19.36 11.22
N THR A 38 7.08 19.66 10.11
CA THR A 38 6.52 20.98 9.86
C THR A 38 5.38 21.30 10.83
N VAL A 39 4.47 20.35 10.98
CA VAL A 39 3.33 20.51 11.88
C VAL A 39 3.82 20.67 13.32
N MET A 40 4.91 20.00 13.67
CA MET A 40 5.46 20.09 15.02
C MET A 40 5.92 21.50 15.37
N GLU A 41 6.15 22.32 14.35
CA GLU A 41 6.60 23.69 14.57
C GLU A 41 5.64 24.73 14.00
N CYS A 42 4.36 24.37 13.92
CA CYS A 42 3.35 25.29 13.41
C CYS A 42 2.98 26.26 14.53
N ASP A 43 3.26 27.54 14.32
CA ASP A 43 2.98 28.56 15.32
C ASP A 43 1.49 28.71 15.62
N ALA A 44 0.64 28.16 14.76
CA ALA A 44 -0.79 28.24 14.97
C ALA A 44 -1.17 27.32 16.13
N CYS A 45 -0.44 26.22 16.26
CA CYS A 45 -0.68 25.24 17.31
C CYS A 45 0.11 25.57 18.57
N MET B 1 12.18 -26.86 -20.38
CA MET B 1 13.02 -26.38 -19.24
C MET B 1 12.19 -26.08 -18.01
N ASP B 2 12.04 -27.07 -17.13
CA ASP B 2 11.27 -26.88 -15.91
C ASP B 2 11.60 -25.51 -15.33
N LEU B 3 10.59 -24.63 -15.31
CA LEU B 3 10.76 -23.28 -14.81
C LEU B 3 10.46 -23.15 -13.32
N ALA B 4 10.25 -24.27 -12.64
CA ALA B 4 9.96 -24.23 -11.22
C ALA B 4 11.06 -23.48 -10.45
N PRO B 5 12.34 -23.74 -10.79
CA PRO B 5 13.43 -23.04 -10.10
C PRO B 5 13.33 -21.52 -10.25
N GLN B 6 13.00 -21.06 -11.46
CA GLN B 6 12.86 -19.63 -11.70
C GLN B 6 11.57 -19.12 -11.04
N MET B 7 10.50 -19.90 -11.12
CA MET B 7 9.25 -19.47 -10.51
C MET B 7 9.47 -19.27 -9.02
N LEU B 8 10.03 -20.30 -8.38
CA LEU B 8 10.32 -20.23 -6.96
C LEU B 8 11.10 -18.96 -6.65
N ARG B 9 12.09 -18.63 -7.46
CA ARG B 9 12.90 -17.44 -7.24
C ARG B 9 12.10 -16.14 -7.29
N GLU B 10 11.12 -16.06 -8.20
CA GLU B 10 10.30 -14.87 -8.31
C GLU B 10 9.45 -14.76 -7.04
N LEU B 11 8.85 -15.87 -6.62
CA LEU B 11 8.04 -15.87 -5.41
C LEU B 11 8.87 -15.40 -4.23
N GLN B 12 10.03 -16.00 -4.02
CA GLN B 12 10.92 -15.59 -2.93
C GLN B 12 11.19 -14.10 -3.01
N GLU B 13 11.33 -13.59 -4.24
CA GLU B 13 11.58 -12.16 -4.43
C GLU B 13 10.33 -11.36 -4.05
N THR B 14 9.14 -11.88 -4.38
CA THR B 14 7.91 -11.17 -4.04
C THR B 14 7.79 -10.98 -2.54
N ASN B 15 8.08 -12.04 -1.78
CA ASN B 15 8.01 -11.95 -0.34
C ASN B 15 9.00 -10.97 0.25
N ALA B 16 10.23 -10.98 -0.25
CA ALA B 16 11.25 -10.06 0.25
C ALA B 16 10.75 -8.63 0.09
N ALA B 17 10.18 -8.36 -1.08
CA ALA B 17 9.63 -7.04 -1.40
C ALA B 17 8.45 -6.69 -0.50
N LEU B 18 7.56 -7.65 -0.28
CA LEU B 18 6.39 -7.42 0.57
C LEU B 18 6.80 -7.19 2.03
N GLN B 19 7.83 -7.90 2.49
CA GLN B 19 8.30 -7.73 3.86
C GLN B 19 8.69 -6.26 4.04
N ASP B 20 9.41 -5.74 3.05
CA ASP B 20 9.85 -4.34 3.07
C ASP B 20 8.65 -3.39 2.98
N VAL B 21 7.67 -3.72 2.14
CA VAL B 21 6.48 -2.88 2.01
C VAL B 21 5.75 -2.80 3.37
N ARG B 22 5.69 -3.93 4.07
CA ARG B 22 5.02 -3.99 5.37
C ARG B 22 5.75 -3.14 6.41
N GLU B 23 7.07 -3.28 6.48
CA GLU B 23 7.85 -2.50 7.43
C GLU B 23 7.69 -1.01 7.13
N LEU B 24 7.68 -0.66 5.85
CA LEU B 24 7.52 0.73 5.46
C LEU B 24 6.15 1.27 5.89
N LEU B 25 5.12 0.43 5.73
CA LEU B 25 3.79 0.84 6.11
C LEU B 25 3.67 0.99 7.61
N ARG B 26 4.33 0.12 8.38
CA ARG B 26 4.29 0.21 9.82
C ARG B 26 4.86 1.54 10.30
N GLN B 27 5.97 1.96 9.71
CA GLN B 27 6.58 3.21 10.12
C GLN B 27 5.72 4.38 9.66
N GLN B 28 5.10 4.24 8.49
CA GLN B 28 4.25 5.30 7.97
C GLN B 28 3.04 5.48 8.87
N VAL B 29 2.39 4.37 9.23
CA VAL B 29 1.22 4.45 10.11
C VAL B 29 1.62 5.12 11.44
N LYS B 30 2.82 4.85 11.92
CA LYS B 30 3.29 5.45 13.17
C LYS B 30 3.37 6.97 13.01
N GLU B 31 4.01 7.43 11.92
CA GLU B 31 4.16 8.86 11.66
C GLU B 31 2.78 9.53 11.54
N ILE B 32 1.86 8.89 10.84
CA ILE B 32 0.52 9.46 10.67
C ILE B 32 -0.21 9.53 12.01
N THR B 33 -0.06 8.48 12.82
CA THR B 33 -0.68 8.44 14.15
C THR B 33 -0.19 9.62 14.99
N PHE B 34 1.11 9.87 14.95
CA PHE B 34 1.71 10.98 15.70
C PHE B 34 1.11 12.32 15.24
N LEU B 35 0.95 12.45 13.92
CA LEU B 35 0.39 13.65 13.33
C LEU B 35 -1.05 13.90 13.80
N LYS B 36 -1.84 12.84 13.91
CA LYS B 36 -3.23 12.94 14.36
C LYS B 36 -3.30 13.59 15.73
N ASN B 37 -2.53 13.05 16.66
CA ASN B 37 -2.50 13.54 18.02
C ASN B 37 -2.09 15.00 18.11
N THR B 38 -1.10 15.38 17.31
CA THR B 38 -0.62 16.75 17.30
C THR B 38 -1.71 17.73 16.87
N VAL B 39 -2.36 17.42 15.75
CA VAL B 39 -3.42 18.29 15.27
C VAL B 39 -4.55 18.37 16.29
N MET B 40 -4.87 17.24 16.93
CA MET B 40 -5.93 17.23 17.92
C MET B 40 -5.64 18.19 19.07
N GLU B 41 -4.37 18.32 19.42
CA GLU B 41 -3.99 19.22 20.52
C GLU B 41 -3.52 20.57 19.97
N CYS B 42 -3.97 20.92 18.78
CA CYS B 42 -3.58 22.19 18.16
C CYS B 42 -4.42 23.35 18.70
N ASP B 43 -3.74 24.31 19.32
CA ASP B 43 -4.36 25.49 19.91
C ASP B 43 -5.31 26.22 18.95
N ALA B 44 -4.81 26.58 17.78
CA ALA B 44 -5.60 27.29 16.77
C ALA B 44 -6.92 26.60 16.44
N CYS B 45 -7.06 25.35 16.86
CA CYS B 45 -8.28 24.59 16.60
C CYS B 45 -9.24 24.59 17.78
N MET C 1 14.23 -32.59 -8.43
CA MET C 1 13.86 -32.15 -7.05
C MET C 1 12.54 -31.39 -7.07
N ASP C 2 11.52 -31.96 -6.43
CA ASP C 2 10.20 -31.34 -6.37
C ASP C 2 10.22 -30.06 -5.53
N LEU C 3 9.86 -28.94 -6.16
CA LEU C 3 9.86 -27.64 -5.48
C LEU C 3 8.48 -27.13 -5.07
N ALA C 4 7.43 -27.85 -5.45
CA ALA C 4 6.08 -27.46 -5.09
C ALA C 4 5.90 -27.21 -3.60
N PRO C 5 6.46 -28.10 -2.75
CA PRO C 5 6.32 -27.88 -1.30
C PRO C 5 6.78 -26.49 -0.89
N GLN C 6 7.97 -26.11 -1.33
CA GLN C 6 8.54 -24.81 -1.03
C GLN C 6 7.73 -23.67 -1.65
N MET C 7 7.23 -23.88 -2.86
CA MET C 7 6.44 -22.85 -3.53
C MET C 7 5.16 -22.59 -2.76
N LEU C 8 4.52 -23.64 -2.25
CA LEU C 8 3.30 -23.49 -1.48
C LEU C 8 3.59 -22.61 -0.26
N ARG C 9 4.70 -22.91 0.42
CA ARG C 9 5.11 -22.17 1.61
C ARG C 9 5.35 -20.70 1.31
N GLU C 10 5.85 -20.39 0.12
CA GLU C 10 6.07 -19.00 -0.24
C GLU C 10 4.71 -18.31 -0.43
N LEU C 11 3.78 -18.99 -1.09
CA LEU C 11 2.45 -18.43 -1.32
C LEU C 11 1.71 -18.17 0.00
N GLN C 12 1.85 -19.09 0.96
CA GLN C 12 1.19 -18.91 2.24
C GLN C 12 1.80 -17.72 2.98
N GLU C 13 3.11 -17.54 2.82
CA GLU C 13 3.81 -16.41 3.41
C GLU C 13 3.29 -15.12 2.77
N THR C 14 2.98 -15.18 1.48
CA THR C 14 2.45 -14.02 0.76
C THR C 14 1.13 -13.59 1.39
N ASN C 15 0.24 -14.55 1.60
CA ASN C 15 -1.05 -14.24 2.19
C ASN C 15 -0.92 -13.77 3.64
N ALA C 16 0.06 -14.28 4.36
CA ALA C 16 0.25 -13.87 5.74
C ALA C 16 0.66 -12.40 5.74
N ALA C 17 1.62 -12.07 4.89
CA ALA C 17 2.10 -10.69 4.76
C ALA C 17 0.98 -9.74 4.30
N LEU C 18 0.24 -10.15 3.27
CA LEU C 18 -0.86 -9.34 2.75
C LEU C 18 -1.89 -9.03 3.83
N GLN C 19 -2.25 -10.04 4.63
CA GLN C 19 -3.21 -9.83 5.69
C GLN C 19 -2.70 -8.79 6.67
N ASP C 20 -1.38 -8.71 6.85
CA ASP C 20 -0.81 -7.72 7.76
C ASP C 20 -0.95 -6.34 7.12
N VAL C 21 -0.63 -6.26 5.83
CA VAL C 21 -0.74 -5.02 5.10
C VAL C 21 -2.19 -4.49 5.09
N ARG C 22 -3.15 -5.39 4.91
CA ARG C 22 -4.55 -4.99 4.89
C ARG C 22 -4.99 -4.41 6.23
N GLU C 23 -4.55 -5.05 7.31
CA GLU C 23 -4.90 -4.62 8.65
C GLU C 23 -4.25 -3.29 8.99
N LEU C 24 -3.02 -3.09 8.50
CA LEU C 24 -2.33 -1.83 8.76
C LEU C 24 -3.01 -0.74 7.94
N LEU C 25 -3.44 -1.10 6.74
CA LEU C 25 -4.09 -0.13 5.86
C LEU C 25 -5.45 0.32 6.39
N ARG C 26 -6.24 -0.60 6.93
CA ARG C 26 -7.56 -0.19 7.44
C ARG C 26 -7.44 0.64 8.70
N GLN C 27 -6.37 0.46 9.47
CA GLN C 27 -6.19 1.27 10.66
C GLN C 27 -5.69 2.64 10.20
N GLN C 28 -4.88 2.64 9.16
CA GLN C 28 -4.34 3.89 8.64
C GLN C 28 -5.46 4.77 8.12
N VAL C 29 -6.44 4.15 7.46
CA VAL C 29 -7.57 4.88 6.93
C VAL C 29 -8.34 5.55 8.08
N LYS C 30 -8.43 4.86 9.22
CA LYS C 30 -9.13 5.42 10.38
C LYS C 30 -8.37 6.63 10.89
N GLU C 31 -7.04 6.54 10.94
CA GLU C 31 -6.23 7.64 11.44
C GLU C 31 -6.31 8.86 10.53
N ILE C 32 -6.40 8.63 9.22
CA ILE C 32 -6.48 9.73 8.27
C ILE C 32 -7.85 10.38 8.37
N THR C 33 -8.87 9.56 8.52
CA THR C 33 -10.24 10.06 8.64
C THR C 33 -10.42 10.90 9.91
N PHE C 34 -9.77 10.48 11.01
CA PHE C 34 -9.85 11.25 12.25
C PHE C 34 -9.19 12.59 11.99
N LEU C 35 -8.03 12.53 11.35
CA LEU C 35 -7.28 13.72 11.01
C LEU C 35 -8.15 14.66 10.19
N LYS C 36 -8.82 14.12 9.18
CA LYS C 36 -9.70 14.93 8.33
C LYS C 36 -10.75 15.65 9.17
N ASN C 37 -11.48 14.89 9.97
CA ASN C 37 -12.54 15.42 10.83
C ASN C 37 -12.07 16.50 11.80
N THR C 38 -10.88 16.31 12.39
CA THR C 38 -10.35 17.28 13.33
C THR C 38 -10.05 18.63 12.66
N VAL C 39 -9.55 18.56 11.44
CA VAL C 39 -9.23 19.75 10.65
C VAL C 39 -10.50 20.55 10.35
N MET C 40 -11.52 19.84 9.88
CA MET C 40 -12.79 20.46 9.56
C MET C 40 -13.37 21.28 10.71
N GLU C 41 -13.37 20.70 11.91
CA GLU C 41 -13.89 21.42 13.07
C GLU C 41 -12.88 22.41 13.64
N CYS C 42 -11.75 22.60 12.95
CA CYS C 42 -10.74 23.53 13.42
C CYS C 42 -11.20 24.95 13.14
N ASP C 43 -11.57 25.66 14.19
CA ASP C 43 -12.06 27.03 14.08
C ASP C 43 -11.18 27.94 13.21
N ALA C 44 -9.88 27.87 13.40
CA ALA C 44 -8.92 28.69 12.65
C ALA C 44 -9.18 28.74 11.15
N CYS C 45 -9.54 27.60 10.57
CA CYS C 45 -9.79 27.51 9.13
C CYS C 45 -10.89 28.46 8.65
N MET D 1 -4.41 -31.49 -8.37
CA MET D 1 -3.26 -32.42 -8.55
C MET D 1 -2.19 -32.18 -7.48
N ASP D 2 -2.19 -33.03 -6.46
CA ASP D 2 -1.22 -32.96 -5.37
C ASP D 2 -1.40 -31.72 -4.50
N LEU D 3 -0.53 -30.73 -4.70
CA LEU D 3 -0.57 -29.49 -3.94
C LEU D 3 -1.21 -28.37 -4.78
N ALA D 4 -1.37 -28.63 -6.06
CA ALA D 4 -1.96 -27.66 -6.98
C ALA D 4 -3.24 -27.03 -6.44
N PRO D 5 -4.16 -27.85 -5.90
CA PRO D 5 -5.42 -27.31 -5.35
C PRO D 5 -5.17 -26.26 -4.27
N GLN D 6 -4.29 -26.60 -3.33
CA GLN D 6 -3.97 -25.70 -2.24
C GLN D 6 -3.27 -24.45 -2.75
N MET D 7 -2.40 -24.60 -3.75
CA MET D 7 -1.71 -23.44 -4.31
C MET D 7 -2.74 -22.50 -4.91
N LEU D 8 -3.64 -23.05 -5.72
CA LEU D 8 -4.69 -22.26 -6.35
C LEU D 8 -5.55 -21.54 -5.29
N ARG D 9 -5.74 -22.20 -4.15
CA ARG D 9 -6.54 -21.60 -3.08
C ARG D 9 -5.81 -20.41 -2.46
N GLU D 10 -4.49 -20.50 -2.34
CA GLU D 10 -3.70 -19.39 -1.81
C GLU D 10 -3.79 -18.21 -2.79
N LEU D 11 -3.71 -18.50 -4.08
CA LEU D 11 -3.77 -17.45 -5.10
C LEU D 11 -5.10 -16.71 -5.07
N GLN D 12 -6.19 -17.45 -4.88
CA GLN D 12 -7.52 -16.84 -4.79
C GLN D 12 -7.62 -15.97 -3.54
N GLU D 13 -7.08 -16.45 -2.42
CA GLU D 13 -7.13 -15.67 -1.19
C GLU D 13 -6.31 -14.37 -1.33
N THR D 14 -5.17 -14.46 -2.01
CA THR D 14 -4.30 -13.30 -2.26
C THR D 14 -5.09 -12.27 -3.08
N ASN D 15 -5.87 -12.78 -4.02
CA ASN D 15 -6.67 -11.93 -4.88
C ASN D 15 -7.74 -11.20 -4.08
N ALA D 16 -8.47 -11.93 -3.24
CA ALA D 16 -9.50 -11.33 -2.42
C ALA D 16 -8.88 -10.25 -1.55
N ALA D 17 -7.75 -10.57 -0.93
CA ALA D 17 -7.04 -9.63 -0.07
C ALA D 17 -6.67 -8.39 -0.88
N LEU D 18 -6.16 -8.59 -2.10
CA LEU D 18 -5.80 -7.47 -2.95
C LEU D 18 -7.03 -6.59 -3.23
N GLN D 19 -8.15 -7.23 -3.48
CA GLN D 19 -9.38 -6.51 -3.77
C GLN D 19 -9.73 -5.55 -2.63
N ASP D 20 -9.57 -6.01 -1.39
CA ASP D 20 -9.85 -5.17 -0.24
C ASP D 20 -8.82 -4.05 -0.10
N VAL D 21 -7.55 -4.37 -0.35
CA VAL D 21 -6.48 -3.37 -0.23
C VAL D 21 -6.77 -2.23 -1.19
N ARG D 22 -7.11 -2.61 -2.41
CA ARG D 22 -7.43 -1.67 -3.45
C ARG D 22 -8.63 -0.80 -3.01
N GLU D 23 -9.68 -1.42 -2.49
CA GLU D 23 -10.86 -0.66 -2.04
C GLU D 23 -10.50 0.34 -0.94
N LEU D 24 -9.66 -0.08 0.00
CA LEU D 24 -9.22 0.77 1.10
C LEU D 24 -8.37 1.96 0.63
N LEU D 25 -7.49 1.72 -0.34
CA LEU D 25 -6.64 2.78 -0.85
C LEU D 25 -7.45 3.82 -1.58
N ARG D 26 -8.47 3.39 -2.33
CA ARG D 26 -9.33 4.33 -3.06
C ARG D 26 -10.07 5.24 -2.08
N GLN D 27 -10.41 4.72 -0.91
CA GLN D 27 -11.10 5.52 0.09
C GLN D 27 -10.07 6.45 0.72
N GLN D 28 -8.88 5.91 0.99
CA GLN D 28 -7.80 6.68 1.59
C GLN D 28 -7.41 7.88 0.73
N VAL D 29 -7.35 7.68 -0.58
CA VAL D 29 -7.02 8.78 -1.48
C VAL D 29 -8.09 9.86 -1.40
N LYS D 30 -9.36 9.44 -1.32
CA LYS D 30 -10.48 10.38 -1.23
C LYS D 30 -10.34 11.23 0.02
N GLU D 31 -9.98 10.60 1.13
CA GLU D 31 -9.83 11.31 2.39
C GLU D 31 -8.63 12.27 2.34
N ILE D 32 -7.56 11.85 1.68
CA ILE D 32 -6.38 12.68 1.59
C ILE D 32 -6.62 13.90 0.70
N THR D 33 -7.36 13.71 -0.38
CA THR D 33 -7.67 14.82 -1.29
C THR D 33 -8.56 15.83 -0.56
N PHE D 34 -9.53 15.34 0.21
CA PHE D 34 -10.40 16.25 0.95
C PHE D 34 -9.56 17.06 1.91
N LEU D 35 -8.80 16.37 2.75
CA LEU D 35 -7.94 17.00 3.73
C LEU D 35 -7.04 18.00 3.02
N LYS D 36 -6.60 17.64 1.81
CA LYS D 36 -5.74 18.48 0.98
C LYS D 36 -6.44 19.78 0.62
N ASN D 37 -7.64 19.68 0.05
CA ASN D 37 -8.39 20.86 -0.34
C ASN D 37 -8.81 21.70 0.86
N THR D 38 -9.14 21.04 1.96
CA THR D 38 -9.56 21.72 3.17
C THR D 38 -8.46 22.67 3.64
N VAL D 39 -7.26 22.13 3.81
CA VAL D 39 -6.12 22.93 4.25
C VAL D 39 -5.77 23.97 3.19
N MET D 40 -5.97 23.61 1.93
CA MET D 40 -5.67 24.49 0.82
C MET D 40 -6.70 25.64 0.83
N GLU D 41 -7.87 25.37 1.39
CA GLU D 41 -8.94 26.36 1.50
C GLU D 41 -9.13 26.75 2.96
N CYS D 42 -8.03 27.05 3.64
CA CYS D 42 -8.09 27.42 5.05
C CYS D 42 -7.74 28.90 5.21
N ASP D 43 -8.65 29.66 5.81
CA ASP D 43 -8.43 31.09 6.02
C ASP D 43 -7.17 31.35 6.86
N ALA D 44 -7.00 30.55 7.91
CA ALA D 44 -5.84 30.66 8.79
C ALA D 44 -4.53 30.77 8.02
N CYS D 45 -4.41 30.00 6.94
CA CYS D 45 -3.22 29.99 6.10
C CYS D 45 -3.17 31.23 5.20
N MET E 1 -1.66 -28.71 -19.19
CA MET E 1 -1.77 -29.71 -18.09
C MET E 1 -1.89 -29.02 -16.73
N ASP E 2 -2.28 -29.79 -15.72
CA ASP E 2 -2.43 -29.28 -14.36
C ASP E 2 -3.38 -28.08 -14.29
N LEU E 3 -3.65 -27.61 -13.07
CA LEU E 3 -4.53 -26.46 -12.85
C LEU E 3 -3.84 -25.17 -13.29
N ALA E 4 -2.95 -25.27 -14.27
CA ALA E 4 -2.23 -24.11 -14.77
C ALA E 4 -3.17 -23.01 -15.27
N PRO E 5 -4.27 -23.40 -15.94
CA PRO E 5 -5.21 -22.39 -16.44
C PRO E 5 -5.84 -21.56 -15.33
N GLN E 6 -6.35 -22.20 -14.28
CA GLN E 6 -6.96 -21.45 -13.19
C GLN E 6 -5.91 -20.61 -12.43
N MET E 7 -4.72 -21.17 -12.23
CA MET E 7 -3.66 -20.46 -11.52
C MET E 7 -3.21 -19.22 -12.28
N LEU E 8 -3.06 -19.35 -13.59
CA LEU E 8 -2.65 -18.23 -14.42
C LEU E 8 -3.70 -17.12 -14.32
N ARG E 9 -4.97 -17.50 -14.42
CA ARG E 9 -6.05 -16.53 -14.32
C ARG E 9 -5.95 -15.70 -13.04
N GLU E 10 -5.67 -16.35 -11.90
CA GLU E 10 -5.56 -15.62 -10.62
C GLU E 10 -4.36 -14.68 -10.60
N LEU E 11 -3.29 -15.06 -11.29
CA LEU E 11 -2.08 -14.23 -11.35
C LEU E 11 -2.35 -13.00 -12.23
N GLN E 12 -3.06 -13.19 -13.32
CA GLN E 12 -3.38 -12.07 -14.20
C GLN E 12 -4.27 -11.13 -13.39
N GLU E 13 -5.20 -11.69 -12.63
CA GLU E 13 -6.08 -10.86 -11.82
C GLU E 13 -5.27 -10.12 -10.77
N THR E 14 -4.22 -10.77 -10.27
CA THR E 14 -3.35 -10.16 -9.27
C THR E 14 -2.60 -8.97 -9.85
N ASN E 15 -1.95 -9.19 -10.99
CA ASN E 15 -1.20 -8.11 -11.62
C ASN E 15 -2.07 -6.94 -12.00
N ALA E 16 -3.30 -7.19 -12.44
CA ALA E 16 -4.20 -6.11 -12.82
C ALA E 16 -4.57 -5.26 -11.60
N ALA E 17 -4.79 -5.93 -10.48
CA ALA E 17 -5.13 -5.23 -9.24
C ALA E 17 -3.90 -4.44 -8.77
N LEU E 18 -2.74 -5.09 -8.85
CA LEU E 18 -1.48 -4.48 -8.44
C LEU E 18 -1.15 -3.23 -9.24
N GLN E 19 -1.34 -3.29 -10.56
CA GLN E 19 -1.09 -2.14 -11.41
C GLN E 19 -1.98 -0.97 -11.00
N ASP E 20 -3.20 -1.26 -10.53
CA ASP E 20 -4.12 -0.22 -10.10
C ASP E 20 -3.60 0.39 -8.80
N VAL E 21 -3.05 -0.47 -7.93
CA VAL E 21 -2.50 -0.03 -6.66
C VAL E 21 -1.34 0.94 -6.86
N ARG E 22 -0.44 0.58 -7.78
CA ARG E 22 0.71 1.43 -8.08
C ARG E 22 0.23 2.81 -8.54
N GLU E 23 -0.76 2.83 -9.42
CA GLU E 23 -1.30 4.07 -9.92
C GLU E 23 -1.99 4.86 -8.82
N LEU E 24 -2.67 4.16 -7.92
CA LEU E 24 -3.34 4.84 -6.81
C LEU E 24 -2.28 5.46 -5.88
N LEU E 25 -1.19 4.72 -5.62
CA LEU E 25 -0.11 5.22 -4.76
C LEU E 25 0.60 6.37 -5.47
N ARG E 26 0.65 6.27 -6.79
CA ARG E 26 1.27 7.28 -7.62
C ARG E 26 0.57 8.60 -7.36
N GLN E 27 -0.74 8.60 -7.55
CA GLN E 27 -1.54 9.80 -7.33
C GLN E 27 -1.47 10.24 -5.86
N GLN E 28 -1.64 9.29 -4.94
CA GLN E 28 -1.60 9.61 -3.52
C GLN E 28 -0.34 10.33 -3.04
N VAL E 29 0.82 9.91 -3.53
CA VAL E 29 2.05 10.56 -3.10
C VAL E 29 2.02 12.01 -3.61
N LYS E 30 1.47 12.21 -4.79
CA LYS E 30 1.39 13.56 -5.34
C LYS E 30 0.57 14.43 -4.41
N GLU E 31 -0.62 13.96 -4.03
CA GLU E 31 -1.50 14.69 -3.11
C GLU E 31 -0.77 15.02 -1.81
N ILE E 32 -0.11 14.03 -1.24
CA ILE E 32 0.64 14.25 -0.01
C ILE E 32 1.69 15.33 -0.22
N THR E 33 2.44 15.24 -1.33
CA THR E 33 3.45 16.25 -1.62
C THR E 33 2.81 17.63 -1.75
N PHE E 34 1.59 17.70 -2.27
CA PHE E 34 0.88 18.96 -2.41
C PHE E 34 0.46 19.50 -1.05
N LEU E 35 -0.03 18.61 -0.18
CA LEU E 35 -0.43 19.01 1.16
C LEU E 35 0.81 19.52 1.91
N LYS E 36 1.94 18.83 1.74
CA LYS E 36 3.19 19.22 2.37
C LYS E 36 3.59 20.63 1.93
N ASN E 37 3.57 20.88 0.63
CA ASN E 37 3.93 22.19 0.14
C ASN E 37 2.95 23.26 0.63
N THR E 38 1.71 22.85 0.85
CA THR E 38 0.67 23.77 1.32
C THR E 38 0.87 24.17 2.77
N VAL E 39 1.18 23.19 3.62
CA VAL E 39 1.39 23.44 5.03
C VAL E 39 2.69 24.23 5.27
N MET E 40 3.66 24.01 4.39
CA MET E 40 4.94 24.71 4.50
C MET E 40 4.76 26.19 4.21
N GLU E 41 3.67 26.53 3.53
CA GLU E 41 3.38 27.91 3.17
C GLU E 41 2.25 28.52 3.99
N CYS E 42 1.70 27.73 4.93
CA CYS E 42 0.61 28.22 5.76
C CYS E 42 1.12 29.33 6.69
N ASP E 43 0.53 30.51 6.55
CA ASP E 43 0.91 31.67 7.37
C ASP E 43 0.53 31.53 8.84
N ALA E 44 -0.30 30.53 9.14
CA ALA E 44 -0.72 30.28 10.52
C ALA E 44 0.42 29.62 11.27
N CYS E 45 1.27 28.93 10.51
CA CYS E 45 2.42 28.23 11.08
C CYS E 45 3.61 29.17 11.21
C1 PLM F . -0.28 3.30 1.52
O1 PLM F . -1.01 3.08 2.50
O2 PLM F . -0.11 4.44 1.10
C2 PLM F . 0.40 2.13 0.82
C3 PLM F . -0.43 0.88 0.67
C4 PLM F . 0.40 -0.38 0.47
C5 PLM F . 0.21 -1.02 -0.91
C6 PLM F . -0.14 -2.50 -0.84
C7 PLM F . 0.57 -3.30 -1.95
C8 PLM F . 0.20 -4.79 -1.89
C9 PLM F . 0.98 -5.63 -2.87
CA PLM F . 0.65 -7.12 -2.85
CB PLM F . 1.24 -7.90 -4.01
CC PLM F . 0.59 -9.28 -4.09
CD PLM F . 1.64 -10.34 -4.38
CE PLM F . 1.21 -11.32 -5.47
CF PLM F . 1.88 -12.70 -5.31
CG PLM F . 1.49 -13.65 -6.43
C1 PLM G . 2.33 -24.97 -11.39
O1 PLM G . 1.90 -25.59 -12.41
O2 PLM G . 3.04 -23.96 -11.50
C2 PLM G . 1.95 -25.51 -10.03
C3 PLM G . 2.36 -26.96 -9.79
C4 PLM G . 3.24 -27.17 -8.55
C5 PLM G . 4.74 -26.96 -8.78
C6 PLM G . 5.29 -27.66 -10.02
C7 PLM G . 5.40 -29.20 -9.82
C8 PLM G . 5.90 -29.84 -11.10
C9 PLM G . 4.80 -29.92 -12.15
CA PLM G . 5.22 -30.54 -13.47
CB PLM G . 5.28 -32.06 -13.45
CC PLM G . 6.49 -32.54 -14.25
CD PLM G . 6.18 -33.89 -14.84
CE PLM G . 6.38 -35.02 -13.82
CF PLM G . 7.87 -35.39 -13.70
CG PLM G . 8.17 -35.96 -12.31
#